data_8SC2
#
_entry.id   8SC2
#
_cell.length_a   1.00
_cell.length_b   1.00
_cell.length_c   1.00
_cell.angle_alpha   90.00
_cell.angle_beta   90.00
_cell.angle_gamma   90.00
#
_symmetry.space_group_name_H-M   'P 1'
#
loop_
_entity.id
_entity.type
_entity.pdbx_description
1 polymer 'Solute carrier family 22 member 1'
2 non-polymer Diltiazem
#
_entity_poly.entity_id   1
_entity_poly.type   'polypeptide(L)'
_entity_poly.pdbx_seq_one_letter_code
;KQAFLILCLLSAAFAPICVGIVFLGFTPDHHCQSPGVAELSQRCGWSPAEELNYTVPGLGPAGEAFLGQCRRYEVDWNQS
ALSCVDPLASLATNRSHLPLGPCQDGWVYDTPGSSIVTEFNLVCADSWKLDLFQSCLNAGFLFGSLGVGYFADRFGRKLC
LLGTVLVNAVSGVLMAFSPNYMSMLLFRLLQGLVSKGNWMAGYTLITEFVGSGSRRTVAIMYQMAFTVGLVALTGLAYAL
PHWRWLQLAVSLPTFLFLLYYWCVPESPRWLLSQKRNTEAIKIMDHIAQKNGKLPPADLKMLSLEEDVTEKLSPSFADLF
RTPRLRKRTFILMYLWFTDSVLYQGLILHMGATSGNLYLDFLYSALVEIPGAFIALITIDRVGRIYPMAMSNLLAGAACL
VMIFISPDLHWLNIIIMCVGRMGITIAIQMICLVNAELYPTFVRNLGVMVCSSLCDIGGIITPFIVFRLREVWQALPLIL
FAVLGLLAAGVTLLLPETKGVALPETMKDAENLGRKAKPKENTIYLKVQTSEPSGT
;
_entity_poly.pdbx_strand_id   A
#
loop_
_chem_comp.id
_chem_comp.type
_chem_comp.name
_chem_comp.formula
C9F non-polymer Diltiazem 'C22 H26 N2 O4 S'
#
# COMPACT_ATOMS: atom_id res chain seq x y z
N LYS A 1 10.13 30.77 10.47
CA LYS A 1 8.97 29.93 10.25
C LYS A 1 9.05 28.65 11.08
N GLN A 2 7.93 28.29 11.69
CA GLN A 2 7.85 27.09 12.51
C GLN A 2 6.74 26.15 12.09
N ALA A 3 5.62 26.69 11.60
CA ALA A 3 4.50 25.83 11.20
C ALA A 3 4.85 24.99 9.98
N PHE A 4 5.66 25.55 9.08
CA PHE A 4 5.98 24.84 7.84
C PHE A 4 6.68 23.51 8.11
N LEU A 5 7.73 23.55 8.93
CA LEU A 5 8.52 22.33 9.18
C LEU A 5 7.69 21.29 9.91
N ILE A 6 6.93 21.70 10.93
CA ILE A 6 6.16 20.74 11.69
C ILE A 6 5.03 20.15 10.85
N LEU A 7 4.40 20.96 9.99
CA LEU A 7 3.35 20.43 9.13
C LEU A 7 3.92 19.48 8.07
N CYS A 8 5.10 19.78 7.53
CA CYS A 8 5.74 18.83 6.63
C CYS A 8 6.12 17.54 7.34
N LEU A 9 6.54 17.63 8.60
CA LEU A 9 6.79 16.43 9.39
C LEU A 9 5.51 15.63 9.59
N LEU A 10 4.41 16.31 9.85
CA LEU A 10 3.12 15.63 10.01
C LEU A 10 2.70 14.93 8.72
N SER A 11 2.90 15.58 7.57
CA SER A 11 2.58 14.95 6.29
C SER A 11 3.50 13.76 6.01
N ALA A 12 4.78 13.88 6.40
CA ALA A 12 5.72 12.79 6.17
C ALA A 12 5.39 11.56 7.01
N ALA A 13 4.79 11.76 8.18
CA ALA A 13 4.43 10.65 9.06
C ALA A 13 3.21 9.88 8.57
N PHE A 14 2.50 10.39 7.56
CA PHE A 14 1.33 9.69 7.04
C PHE A 14 1.72 8.51 6.15
N ALA A 15 2.91 8.56 5.57
CA ALA A 15 3.35 7.51 4.61
C ALA A 15 3.46 6.14 5.25
N PRO A 16 4.11 5.93 6.40
CA PRO A 16 4.20 4.57 6.92
C PRO A 16 2.85 3.93 7.22
N ILE A 17 1.85 4.75 7.55
CA ILE A 17 0.50 4.22 7.82
C ILE A 17 -0.12 3.73 6.52
N CYS A 18 0.01 4.51 5.46
CA CYS A 18 -0.67 4.14 4.19
C CYS A 18 -0.04 2.94 3.52
N VAL A 19 1.27 2.94 3.27
CA VAL A 19 1.89 1.84 2.48
C VAL A 19 2.77 0.93 3.33
N GLY A 20 2.48 0.82 4.62
CA GLY A 20 3.36 0.03 5.50
C GLY A 20 3.19 -1.47 5.36
N ILE A 21 2.14 -1.92 4.67
CA ILE A 21 1.89 -3.38 4.58
C ILE A 21 3.02 -4.04 3.79
N VAL A 22 3.73 -3.30 2.96
CA VAL A 22 4.80 -3.88 2.11
C VAL A 22 5.90 -4.42 3.03
N PHE A 23 6.14 -3.76 4.19
CA PHE A 23 7.18 -4.25 5.09
C PHE A 23 6.63 -4.89 6.35
N LEU A 24 5.42 -4.53 6.78
CA LEU A 24 4.81 -5.20 7.92
C LEU A 24 4.16 -6.52 7.54
N GLY A 25 3.92 -6.74 6.25
CA GLY A 25 3.21 -7.92 5.81
C GLY A 25 3.85 -8.71 4.69
N PHE A 26 5.17 -8.78 4.66
CA PHE A 26 5.84 -9.53 3.60
C PHE A 26 5.64 -11.03 3.82
N THR A 27 5.53 -11.77 2.71
CA THR A 27 5.25 -13.19 2.75
C THR A 27 6.49 -13.98 2.33
N PRO A 28 7.21 -14.59 3.26
CA PRO A 28 8.36 -15.42 2.87
C PRO A 28 7.93 -16.79 2.41
N ASP A 29 8.89 -17.53 1.86
CA ASP A 29 8.64 -18.91 1.45
C ASP A 29 8.39 -19.78 2.68
N HIS A 30 7.53 -20.77 2.53
CA HIS A 30 7.08 -21.55 3.67
C HIS A 30 6.65 -22.93 3.22
N HIS A 31 6.52 -23.84 4.18
CA HIS A 31 6.08 -25.20 3.93
C HIS A 31 5.51 -25.78 5.21
N CYS A 32 4.79 -26.89 5.08
CA CYS A 32 4.23 -27.55 6.25
C CYS A 32 5.35 -27.99 7.20
N GLN A 33 5.13 -27.77 8.49
CA GLN A 33 6.06 -28.29 9.48
C GLN A 33 5.70 -29.74 9.81
N SER A 34 6.72 -30.60 9.77
CA SER A 34 6.52 -32.01 10.01
C SER A 34 7.46 -32.50 11.11
N PRO A 35 6.92 -33.03 12.21
CA PRO A 35 7.79 -33.53 13.28
C PRO A 35 8.57 -34.75 12.84
N GLY A 36 9.76 -34.89 13.43
CA GLY A 36 10.63 -36.01 13.12
C GLY A 36 11.57 -35.72 11.97
N VAL A 37 11.21 -34.74 11.13
CA VAL A 37 12.04 -34.38 9.99
C VAL A 37 13.34 -33.75 10.47
N ALA A 38 13.30 -32.96 11.54
CA ALA A 38 14.51 -32.34 12.06
C ALA A 38 15.50 -33.39 12.56
N GLU A 39 15.02 -34.39 13.30
CA GLU A 39 15.89 -35.43 13.79
C GLU A 39 16.46 -36.28 12.66
N LEU A 40 15.63 -36.58 11.65
CA LEU A 40 16.12 -37.34 10.51
C LEU A 40 17.18 -36.55 9.73
N SER A 41 16.98 -35.23 9.61
CA SER A 41 17.97 -34.38 8.95
C SER A 41 19.26 -34.35 9.75
N GLN A 42 19.18 -34.29 11.08
CA GLN A 42 20.38 -34.33 11.90
C GLN A 42 21.11 -35.65 11.73
N ARG A 43 20.36 -36.76 11.68
CA ARG A 43 20.97 -38.07 11.49
C ARG A 43 21.64 -38.17 10.12
N CYS A 44 21.00 -37.64 9.08
CA CYS A 44 21.48 -37.75 7.71
C CYS A 44 22.29 -36.55 7.27
N GLY A 45 22.31 -35.46 8.05
CA GLY A 45 23.12 -34.31 7.71
C GLY A 45 22.59 -33.48 6.56
N TRP A 46 21.26 -33.30 6.52
CA TRP A 46 20.63 -32.59 5.38
C TRP A 46 20.78 -31.06 5.46
N SER A 47 21.37 -30.44 4.43
CA SER A 47 21.42 -29.00 4.36
C SER A 47 20.03 -28.45 4.08
N PRO A 48 19.77 -27.17 4.38
CA PRO A 48 18.44 -26.61 4.10
C PRO A 48 18.01 -26.75 2.65
N ALA A 49 18.93 -26.56 1.71
CA ALA A 49 18.60 -26.77 0.30
C ALA A 49 18.40 -28.24 -0.03
N GLU A 50 18.88 -29.15 0.83
CA GLU A 50 18.67 -30.57 0.66
C GLU A 50 17.39 -31.04 1.34
N GLU A 51 17.12 -30.55 2.54
CA GLU A 51 15.88 -30.88 3.22
C GLU A 51 14.68 -30.33 2.47
N LEU A 52 14.80 -29.11 1.93
CA LEU A 52 13.72 -28.55 1.13
C LEU A 52 13.48 -29.33 -0.16
N ASN A 53 14.43 -30.17 -0.57
CA ASN A 53 14.25 -30.97 -1.78
C ASN A 53 13.71 -32.36 -1.46
N TYR A 54 14.21 -32.97 -0.38
CA TYR A 54 13.84 -34.35 -0.08
C TYR A 54 12.43 -34.47 0.47
N THR A 55 12.01 -33.55 1.34
CA THR A 55 10.76 -33.73 2.07
C THR A 55 9.61 -32.95 1.45
N VAL A 56 9.76 -31.65 1.27
CA VAL A 56 8.66 -30.80 0.77
C VAL A 56 8.28 -31.26 -0.64
N PRO A 57 6.99 -31.38 -0.95
CA PRO A 57 6.58 -31.79 -2.29
C PRO A 57 7.12 -30.84 -3.36
N GLY A 58 7.55 -31.40 -4.47
CA GLY A 58 8.17 -30.62 -5.52
C GLY A 58 7.16 -29.88 -6.37
N LEU A 59 7.70 -28.97 -7.19
CA LEU A 59 6.87 -28.18 -8.08
C LEU A 59 6.39 -29.02 -9.25
N GLY A 60 5.13 -28.79 -9.65
CA GLY A 60 4.58 -29.45 -10.80
C GLY A 60 4.82 -28.66 -12.07
N PRO A 61 4.15 -29.03 -13.15
CA PRO A 61 4.27 -28.25 -14.39
C PRO A 61 3.74 -26.84 -14.20
N ALA A 62 4.40 -25.88 -14.85
CA ALA A 62 4.05 -24.46 -14.75
C ALA A 62 4.11 -23.97 -13.30
N GLY A 63 5.06 -24.49 -12.52
CA GLY A 63 5.23 -24.08 -11.14
C GLY A 63 4.36 -24.84 -10.15
N GLU A 64 3.11 -24.42 -10.00
CA GLU A 64 2.16 -25.03 -9.05
C GLU A 64 2.76 -25.12 -7.65
N ALA A 65 3.07 -23.96 -7.08
CA ALA A 65 3.69 -23.91 -5.77
C ALA A 65 2.76 -24.31 -4.64
N PHE A 66 1.46 -24.50 -4.93
CA PHE A 66 0.50 -24.84 -3.88
C PHE A 66 0.82 -26.16 -3.21
N LEU A 67 1.27 -27.15 -4.00
CA LEU A 67 1.48 -28.48 -3.45
C LEU A 67 2.57 -28.51 -2.40
N GLY A 68 3.47 -27.52 -2.39
CA GLY A 68 4.51 -27.47 -1.39
C GLY A 68 4.19 -26.55 -0.23
N GLN A 69 3.45 -25.47 -0.51
CA GLN A 69 3.17 -24.47 0.50
C GLN A 69 2.08 -24.91 1.47
N CYS A 70 1.13 -25.74 1.04
CA CYS A 70 -0.02 -26.07 1.86
C CYS A 70 -0.25 -27.57 2.03
N ARG A 71 0.68 -28.41 1.62
CA ARG A 71 0.51 -29.85 1.71
C ARG A 71 1.80 -30.51 2.15
N ARG A 72 1.69 -31.74 2.65
CA ARG A 72 2.82 -32.49 3.13
C ARG A 72 2.57 -33.98 2.96
N TYR A 73 3.65 -34.76 2.96
CA TYR A 73 3.54 -36.21 2.89
C TYR A 73 3.30 -36.77 4.28
N GLU A 74 2.24 -37.54 4.44
CA GLU A 74 1.88 -38.14 5.74
C GLU A 74 2.64 -39.45 5.88
N VAL A 75 3.92 -39.32 6.24
CA VAL A 75 4.81 -40.47 6.38
C VAL A 75 5.51 -40.38 7.73
N ASP A 76 5.63 -41.54 8.39
CA ASP A 76 6.30 -41.64 9.69
C ASP A 76 7.81 -41.54 9.45
N TRP A 77 8.33 -40.31 9.56
CA TRP A 77 9.74 -40.07 9.33
C TRP A 77 10.64 -40.69 10.40
N ASN A 78 10.08 -41.09 11.55
CA ASN A 78 10.89 -41.62 12.63
C ASN A 78 11.50 -42.99 12.28
N GLN A 79 10.94 -43.70 11.30
CA GLN A 79 11.43 -45.02 10.96
C GLN A 79 12.86 -44.94 10.44
N SER A 80 13.72 -45.83 10.96
CA SER A 80 15.12 -45.83 10.57
C SER A 80 15.35 -46.43 9.19
N ALA A 81 14.35 -47.13 8.63
CA ALA A 81 14.51 -47.75 7.33
C ALA A 81 14.65 -46.74 6.21
N LEU A 82 14.35 -45.47 6.46
CA LEU A 82 14.44 -44.44 5.45
C LEU A 82 15.91 -44.23 5.05
N SER A 83 16.16 -44.22 3.74
CA SER A 83 17.52 -44.06 3.24
C SER A 83 17.96 -42.61 3.33
N CYS A 84 19.21 -42.40 3.75
CA CYS A 84 19.77 -41.06 3.83
C CYS A 84 19.98 -40.45 2.45
N VAL A 85 20.29 -41.26 1.43
CA VAL A 85 20.42 -40.73 0.09
C VAL A 85 19.07 -40.24 -0.43
N ASP A 86 18.03 -41.05 -0.29
CA ASP A 86 16.68 -40.67 -0.68
C ASP A 86 15.66 -41.47 0.11
N PRO A 87 14.88 -40.83 0.98
CA PRO A 87 13.88 -41.57 1.76
C PRO A 87 12.60 -41.85 0.99
N LEU A 88 12.29 -41.06 -0.04
CA LEU A 88 11.04 -41.24 -0.77
C LEU A 88 11.02 -42.53 -1.57
N ALA A 89 12.19 -43.02 -1.99
CA ALA A 89 12.25 -44.23 -2.80
C ALA A 89 11.77 -45.46 -2.04
N SER A 90 11.94 -45.48 -0.71
CA SER A 90 11.53 -46.62 0.10
C SER A 90 10.05 -46.61 0.46
N LEU A 91 9.31 -45.57 0.07
CA LEU A 91 7.91 -45.45 0.44
C LEU A 91 7.00 -46.14 -0.56
N ALA A 92 7.04 -45.71 -1.83
CA ALA A 92 6.20 -46.28 -2.86
C ALA A 92 6.87 -46.12 -4.21
N THR A 93 6.37 -46.87 -5.19
CA THR A 93 6.94 -46.83 -6.53
C THR A 93 6.74 -45.46 -7.18
N ASN A 94 5.59 -44.83 -6.97
CA ASN A 94 5.30 -43.53 -7.56
C ASN A 94 5.12 -42.51 -6.45
N ARG A 95 5.77 -41.36 -6.59
CA ARG A 95 5.67 -40.32 -5.58
C ARG A 95 4.27 -39.75 -5.49
N SER A 96 3.54 -39.72 -6.61
CA SER A 96 2.19 -39.17 -6.63
C SER A 96 1.18 -40.03 -5.90
N HIS A 97 1.54 -41.26 -5.52
CA HIS A 97 0.63 -42.15 -4.82
C HIS A 97 0.68 -41.98 -3.30
N LEU A 98 1.60 -41.19 -2.78
CA LEU A 98 1.71 -41.01 -1.35
C LEU A 98 0.53 -40.20 -0.81
N PRO A 99 0.11 -40.44 0.42
CA PRO A 99 -0.99 -39.66 1.00
C PRO A 99 -0.60 -38.21 1.21
N LEU A 100 -1.60 -37.33 1.18
CA LEU A 100 -1.39 -35.90 1.27
C LEU A 100 -2.27 -35.32 2.37
N GLY A 101 -1.78 -34.26 3.02
CA GLY A 101 -2.52 -33.62 4.08
C GLY A 101 -2.09 -32.18 4.29
N PRO A 102 -2.91 -31.41 5.00
CA PRO A 102 -2.61 -30.00 5.24
C PRO A 102 -1.55 -29.81 6.32
N CYS A 103 -1.14 -28.55 6.50
CA CYS A 103 -0.16 -28.20 7.52
C CYS A 103 -0.82 -28.13 8.90
N GLN A 104 -1.14 -29.31 9.44
CA GLN A 104 -1.78 -29.37 10.74
C GLN A 104 -0.82 -28.99 11.86
N ASP A 105 0.48 -29.26 11.69
CA ASP A 105 1.46 -29.10 12.75
C ASP A 105 2.17 -27.75 12.72
N GLY A 106 1.79 -26.86 11.84
CA GLY A 106 2.41 -25.54 11.78
C GLY A 106 3.21 -25.33 10.51
N TRP A 107 3.95 -24.21 10.52
CA TRP A 107 4.63 -23.73 9.32
C TRP A 107 6.06 -23.36 9.66
N VAL A 108 6.93 -23.41 8.65
CA VAL A 108 8.32 -23.00 8.79
C VAL A 108 8.59 -21.92 7.75
N TYR A 109 8.96 -20.74 8.21
CA TYR A 109 9.20 -19.59 7.34
C TYR A 109 10.69 -19.35 7.20
N ASP A 110 11.16 -19.19 5.97
CA ASP A 110 12.58 -18.97 5.69
C ASP A 110 12.85 -17.47 5.71
N THR A 111 13.02 -16.93 6.91
CA THR A 111 13.40 -15.54 7.12
C THR A 111 13.93 -15.40 8.53
N PRO A 112 14.85 -14.47 8.77
CA PRO A 112 15.29 -14.21 10.15
C PRO A 112 14.37 -13.28 10.92
N GLY A 113 13.64 -12.40 10.24
CA GLY A 113 12.70 -11.51 10.89
C GLY A 113 11.32 -12.11 10.99
N SER A 114 10.33 -11.23 11.06
CA SER A 114 8.94 -11.66 11.19
C SER A 114 8.04 -10.57 10.65
N SER A 115 6.80 -10.95 10.37
CA SER A 115 5.78 -10.01 9.93
C SER A 115 4.43 -10.51 10.44
N ILE A 116 3.36 -9.80 10.07
CA ILE A 116 2.04 -10.23 10.49
C ILE A 116 1.71 -11.59 9.91
N VAL A 117 2.12 -11.84 8.67
CA VAL A 117 1.86 -13.13 8.03
C VAL A 117 2.56 -14.25 8.80
N THR A 118 3.82 -14.03 9.15
CA THR A 118 4.59 -15.07 9.82
C THR A 118 4.12 -15.31 11.24
N GLU A 119 3.46 -14.35 11.87
CA GLU A 119 3.09 -14.48 13.27
C GLU A 119 1.64 -14.94 13.45
N PHE A 120 0.73 -14.44 12.62
CA PHE A 120 -0.67 -14.83 12.68
C PHE A 120 -1.02 -15.95 11.71
N ASN A 121 -0.02 -16.48 10.99
CA ASN A 121 -0.21 -17.61 10.07
C ASN A 121 -1.27 -17.31 9.02
N LEU A 122 -1.14 -16.16 8.36
CA LEU A 122 -2.06 -15.78 7.30
C LEU A 122 -1.59 -16.34 5.97
N VAL A 123 -1.58 -17.67 5.83
CA VAL A 123 -1.12 -18.33 4.61
C VAL A 123 -2.14 -19.37 4.18
N CYS A 124 -2.08 -19.72 2.90
CA CYS A 124 -2.96 -20.73 2.30
C CYS A 124 -4.42 -20.41 2.51
N ALA A 125 -5.11 -21.19 3.36
CA ALA A 125 -6.53 -20.97 3.58
C ALA A 125 -6.81 -19.60 4.20
N ASP A 126 -5.96 -19.16 5.12
CA ASP A 126 -6.12 -17.86 5.76
C ASP A 126 -5.51 -16.72 4.96
N SER A 127 -4.91 -17.01 3.80
CA SER A 127 -4.16 -16.00 3.08
C SER A 127 -5.03 -14.84 2.60
N TRP A 128 -6.34 -15.04 2.49
CA TRP A 128 -7.21 -13.95 2.06
C TRP A 128 -7.37 -12.87 3.11
N LYS A 129 -6.93 -13.13 4.35
CA LYS A 129 -7.08 -12.15 5.41
C LYS A 129 -6.06 -11.02 5.32
N LEU A 130 -4.96 -11.22 4.57
CA LEU A 130 -3.96 -10.16 4.46
C LEU A 130 -4.52 -8.93 3.75
N ASP A 131 -5.38 -9.16 2.76
CA ASP A 131 -6.02 -8.03 2.04
C ASP A 131 -6.89 -7.24 3.03
N LEU A 132 -7.50 -7.94 3.99
CA LEU A 132 -8.37 -7.28 4.95
C LEU A 132 -7.64 -6.23 5.78
N PHE A 133 -6.32 -6.41 5.98
CA PHE A 133 -5.55 -5.43 6.73
C PHE A 133 -5.55 -4.07 6.04
N GLN A 134 -5.39 -4.06 4.71
CA GLN A 134 -5.47 -2.81 3.96
C GLN A 134 -6.91 -2.35 3.75
N SER A 135 -7.84 -3.30 3.60
CA SER A 135 -9.23 -2.95 3.38
C SER A 135 -9.82 -2.21 4.58
N CYS A 136 -9.48 -2.65 5.79
CA CYS A 136 -9.96 -1.96 6.99
C CYS A 136 -9.42 -0.55 7.08
N LEU A 137 -8.14 -0.35 6.75
CA LEU A 137 -7.57 0.99 6.77
C LEU A 137 -8.26 1.89 5.75
N ASN A 138 -8.54 1.37 4.56
CA ASN A 138 -9.23 2.16 3.56
C ASN A 138 -10.68 2.46 3.97
N ALA A 139 -11.34 1.52 4.64
CA ALA A 139 -12.68 1.79 5.16
C ALA A 139 -12.63 2.89 6.21
N GLY A 140 -11.62 2.87 7.07
CA GLY A 140 -11.45 3.96 8.03
C GLY A 140 -11.23 5.28 7.34
N PHE A 141 -10.44 5.30 6.26
CA PHE A 141 -10.29 6.52 5.48
C PHE A 141 -11.62 7.00 4.94
N LEU A 142 -12.44 6.07 4.43
CA LEU A 142 -13.74 6.44 3.86
C LEU A 142 -14.65 7.05 4.93
N PHE A 143 -14.67 6.45 6.12
CA PHE A 143 -15.54 6.96 7.18
C PHE A 143 -15.04 8.31 7.69
N GLY A 144 -13.71 8.46 7.82
CA GLY A 144 -13.16 9.74 8.24
C GLY A 144 -13.27 10.83 7.21
N SER A 145 -13.42 10.47 5.94
CA SER A 145 -13.64 11.47 4.90
C SER A 145 -15.00 12.14 5.03
N LEU A 146 -15.90 11.61 5.85
CA LEU A 146 -17.22 12.20 6.05
C LEU A 146 -17.47 12.60 7.49
N GLY A 147 -16.88 11.91 8.47
CA GLY A 147 -17.13 12.25 9.86
C GLY A 147 -16.29 13.40 10.38
N VAL A 148 -15.14 13.65 9.76
CA VAL A 148 -14.24 14.69 10.26
C VAL A 148 -14.84 16.07 10.09
N GLY A 149 -15.56 16.30 8.99
CA GLY A 149 -16.20 17.60 8.81
C GLY A 149 -17.21 17.90 9.91
N TYR A 150 -18.06 16.93 10.23
CA TYR A 150 -19.03 17.11 11.31
C TYR A 150 -18.33 17.27 12.66
N PHE A 151 -17.27 16.50 12.90
CA PHE A 151 -16.53 16.61 14.14
C PHE A 151 -15.94 18.00 14.31
N ALA A 152 -15.32 18.53 13.25
CA ALA A 152 -14.74 19.86 13.31
C ALA A 152 -15.80 20.96 13.33
N ASP A 153 -17.01 20.66 12.85
CA ASP A 153 -18.11 21.61 12.98
C ASP A 153 -18.59 21.70 14.41
N ARG A 154 -18.71 20.56 15.10
CA ARG A 154 -19.25 20.57 16.46
C ARG A 154 -18.18 20.91 17.50
N PHE A 155 -16.91 20.88 17.12
CA PHE A 155 -15.83 21.07 18.07
C PHE A 155 -14.83 22.10 17.56
N GLY A 156 -14.05 22.67 18.48
CA GLY A 156 -13.03 23.64 18.13
C GLY A 156 -12.02 23.10 17.15
N ARG A 157 -11.67 23.90 16.13
CA ARG A 157 -10.83 23.40 15.04
C ARG A 157 -9.46 22.97 15.52
N LYS A 158 -8.75 23.85 16.23
CA LYS A 158 -7.41 23.51 16.70
C LYS A 158 -7.47 22.41 17.75
N LEU A 159 -8.44 22.44 18.65
CA LEU A 159 -8.61 21.38 19.62
C LEU A 159 -8.97 20.06 18.95
N CYS A 160 -9.82 20.09 17.92
CA CYS A 160 -10.14 18.88 17.19
C CYS A 160 -8.89 18.31 16.51
N LEU A 161 -8.07 19.19 15.92
CA LEU A 161 -6.84 18.73 15.29
C LEU A 161 -5.90 18.09 16.32
N LEU A 162 -5.76 18.72 17.48
CA LEU A 162 -4.92 18.15 18.53
C LEU A 162 -5.45 16.81 19.01
N GLY A 163 -6.76 16.71 19.17
CA GLY A 163 -7.36 15.44 19.59
C GLY A 163 -7.15 14.35 18.56
N THR A 164 -7.30 14.69 17.27
CA THR A 164 -7.05 13.70 16.22
C THR A 164 -5.60 13.25 16.20
N VAL A 165 -4.66 14.18 16.37
CA VAL A 165 -3.25 13.81 16.41
C VAL A 165 -2.99 12.86 17.59
N LEU A 166 -3.54 13.20 18.76
CA LEU A 166 -3.33 12.37 19.94
C LEU A 166 -3.92 10.98 19.74
N VAL A 167 -5.13 10.90 19.18
CA VAL A 167 -5.78 9.62 18.95
C VAL A 167 -4.98 8.79 17.95
N ASN A 168 -4.50 9.43 16.89
CA ASN A 168 -3.70 8.72 15.90
C ASN A 168 -2.43 8.16 16.51
N ALA A 169 -1.74 8.95 17.32
CA ALA A 169 -0.50 8.49 17.95
C ALA A 169 -0.77 7.33 18.91
N VAL A 170 -1.81 7.46 19.73
CA VAL A 170 -2.13 6.40 20.69
C VAL A 170 -2.54 5.12 19.98
N SER A 171 -3.34 5.24 18.92
CA SER A 171 -3.76 4.06 18.17
C SER A 171 -2.58 3.38 17.49
N GLY A 172 -1.68 4.17 16.89
CA GLY A 172 -0.51 3.58 16.27
C GLY A 172 0.39 2.87 17.25
N VAL A 173 0.61 3.49 18.42
CA VAL A 173 1.43 2.85 19.45
C VAL A 173 0.73 1.59 19.97
N LEU A 174 -0.58 1.67 20.16
CA LEU A 174 -1.31 0.53 20.72
C LEU A 174 -1.32 -0.67 19.77
N MET A 175 -1.22 -0.41 18.46
CA MET A 175 -1.31 -1.49 17.49
C MET A 175 -0.13 -2.46 17.61
N ALA A 176 1.06 -1.95 17.95
CA ALA A 176 2.22 -2.81 18.07
C ALA A 176 2.10 -3.81 19.22
N PHE A 177 1.15 -3.60 20.13
CA PHE A 177 0.96 -4.48 21.28
C PHE A 177 -0.25 -5.40 21.14
N SER A 178 -0.82 -5.52 19.95
CA SER A 178 -2.02 -6.34 19.78
C SER A 178 -1.69 -7.81 20.00
N PRO A 179 -2.51 -8.55 20.75
CA PRO A 179 -2.23 -9.96 20.99
C PRO A 179 -2.88 -10.89 19.97
N ASN A 180 -3.85 -10.39 19.20
CA ASN A 180 -4.53 -11.22 18.22
C ASN A 180 -4.95 -10.36 17.04
N TYR A 181 -5.48 -11.01 16.00
CA TYR A 181 -5.70 -10.32 14.74
C TYR A 181 -6.90 -9.38 14.81
N MET A 182 -7.97 -9.79 15.49
CA MET A 182 -9.18 -8.96 15.52
C MET A 182 -8.90 -7.63 16.22
N SER A 183 -8.18 -7.68 17.34
CA SER A 183 -7.81 -6.44 18.02
C SER A 183 -6.92 -5.58 17.15
N MET A 184 -6.00 -6.18 16.40
CA MET A 184 -5.15 -5.42 15.50
C MET A 184 -5.97 -4.74 14.42
N LEU A 185 -6.97 -5.43 13.88
CA LEU A 185 -7.86 -4.82 12.90
C LEU A 185 -8.64 -3.66 13.52
N LEU A 186 -9.04 -3.79 14.78
CA LEU A 186 -9.72 -2.69 15.45
C LEU A 186 -8.84 -1.44 15.51
N PHE A 187 -7.58 -1.61 15.90
CA PHE A 187 -6.68 -0.47 15.97
C PHE A 187 -6.36 0.08 14.59
N ARG A 188 -6.28 -0.79 13.59
CA ARG A 188 -6.08 -0.32 12.22
C ARG A 188 -7.25 0.55 11.76
N LEU A 189 -8.48 0.12 12.03
CA LEU A 189 -9.64 0.90 11.66
C LEU A 189 -9.67 2.22 12.42
N LEU A 190 -9.36 2.19 13.72
CA LEU A 190 -9.35 3.41 14.52
C LEU A 190 -8.29 4.39 14.01
N GLN A 191 -7.13 3.88 13.63
CA GLN A 191 -6.08 4.74 13.09
C GLN A 191 -6.48 5.33 11.74
N GLY A 192 -7.14 4.52 10.90
CA GLY A 192 -7.56 5.02 9.61
C GLY A 192 -8.71 6.02 9.71
N LEU A 193 -9.46 5.96 10.81
CA LEU A 193 -10.53 6.94 11.02
C LEU A 193 -9.97 8.35 11.14
N VAL A 194 -8.75 8.49 11.65
CA VAL A 194 -8.21 9.82 11.93
C VAL A 194 -7.03 10.18 11.04
N SER A 195 -6.41 9.20 10.37
CA SER A 195 -5.20 9.48 9.59
C SER A 195 -5.50 10.45 8.45
N LYS A 196 -6.49 10.12 7.61
CA LYS A 196 -6.79 10.98 6.48
C LYS A 196 -7.43 12.29 6.93
N GLY A 197 -8.16 12.26 8.04
CA GLY A 197 -8.67 13.50 8.60
C GLY A 197 -7.56 14.45 9.00
N ASN A 198 -6.53 13.92 9.66
CA ASN A 198 -5.37 14.73 10.02
C ASN A 198 -4.66 15.24 8.78
N TRP A 199 -4.51 14.39 7.77
CA TRP A 199 -3.83 14.82 6.56
C TRP A 199 -4.58 15.97 5.88
N MET A 200 -5.91 15.84 5.76
CA MET A 200 -6.69 16.90 5.12
C MET A 200 -6.72 18.17 5.98
N ALA A 201 -6.77 18.03 7.30
CA ALA A 201 -6.72 19.20 8.17
C ALA A 201 -5.39 19.94 8.03
N GLY A 202 -4.29 19.19 7.97
CA GLY A 202 -3.00 19.82 7.73
C GLY A 202 -2.92 20.48 6.38
N TYR A 203 -3.51 19.84 5.37
CA TYR A 203 -3.55 20.44 4.03
C TYR A 203 -4.29 21.77 4.06
N THR A 204 -5.46 21.81 4.72
CA THR A 204 -6.23 23.04 4.83
C THR A 204 -5.46 24.11 5.59
N LEU A 205 -4.82 23.73 6.70
CA LEU A 205 -4.08 24.71 7.50
C LEU A 205 -2.90 25.28 6.72
N ILE A 206 -2.17 24.43 5.99
CA ILE A 206 -0.99 24.89 5.28
C ILE A 206 -1.40 25.71 4.06
N THR A 207 -2.57 25.44 3.48
CA THR A 207 -3.09 26.29 2.43
C THR A 207 -3.68 27.59 2.95
N GLU A 208 -4.06 27.64 4.22
CA GLU A 208 -4.51 28.87 4.86
C GLU A 208 -3.36 29.77 5.29
N PHE A 209 -2.25 29.19 5.75
CA PHE A 209 -1.14 29.99 6.24
C PHE A 209 -0.48 30.82 5.12
N VAL A 210 -0.63 30.40 3.88
CA VAL A 210 -0.10 31.13 2.73
C VAL A 210 -1.27 31.51 1.83
N GLY A 211 -1.22 32.72 1.28
CA GLY A 211 -2.31 33.21 0.46
C GLY A 211 -2.49 32.39 -0.81
N SER A 212 -3.59 32.67 -1.50
CA SER A 212 -3.95 31.90 -2.69
C SER A 212 -2.99 32.13 -3.84
N GLY A 213 -2.11 33.13 -3.75
CA GLY A 213 -1.16 33.39 -4.82
C GLY A 213 0.00 32.42 -4.88
N SER A 214 0.18 31.57 -3.87
CA SER A 214 1.29 30.63 -3.86
C SER A 214 0.90 29.26 -3.34
N ARG A 215 -0.36 28.83 -3.55
CA ARG A 215 -0.79 27.54 -3.03
C ARG A 215 -0.15 26.38 -3.78
N ARG A 216 0.24 26.59 -5.04
CA ARG A 216 0.79 25.46 -5.82
C ARG A 216 2.07 24.98 -5.14
N THR A 217 3.05 25.85 -5.00
CA THR A 217 4.34 25.43 -4.45
C THR A 217 4.15 24.78 -3.10
N VAL A 218 3.27 25.33 -2.27
CA VAL A 218 3.01 24.78 -0.95
C VAL A 218 2.45 23.37 -1.06
N ALA A 219 1.48 23.17 -1.96
CA ALA A 219 0.90 21.84 -2.14
C ALA A 219 1.93 20.85 -2.64
N ILE A 220 2.79 21.27 -3.57
CA ILE A 220 3.81 20.37 -4.10
C ILE A 220 4.81 19.99 -3.01
N MET A 221 5.19 20.95 -2.17
CA MET A 221 6.09 20.64 -1.06
C MET A 221 5.43 19.68 -0.08
N TYR A 222 4.15 19.91 0.21
CA TYR A 222 3.41 19.01 1.09
C TYR A 222 3.35 17.59 0.51
N GLN A 223 3.24 17.48 -0.81
CA GLN A 223 3.23 16.18 -1.45
C GLN A 223 4.59 15.50 -1.36
N MET A 224 5.67 16.26 -1.62
CA MET A 224 7.01 15.67 -1.57
C MET A 224 7.40 15.28 -0.16
N ALA A 225 6.75 15.88 0.85
CA ALA A 225 6.93 15.40 2.21
C ALA A 225 6.56 13.92 2.33
N PHE A 226 5.55 13.48 1.57
CA PHE A 226 5.19 12.07 1.56
C PHE A 226 6.32 11.21 1.02
N THR A 227 7.00 11.67 -0.03
CA THR A 227 8.14 10.94 -0.56
C THR A 227 9.27 10.86 0.46
N VAL A 228 9.53 11.97 1.16
CA VAL A 228 10.54 11.93 2.21
C VAL A 228 10.17 10.92 3.30
N GLY A 229 8.89 10.88 3.68
CA GLY A 229 8.45 9.88 4.63
C GLY A 229 8.62 8.47 4.12
N LEU A 230 8.40 8.25 2.83
CA LEU A 230 8.59 6.90 2.21
C LEU A 230 10.07 6.50 2.32
N VAL A 231 10.97 7.45 2.03
CA VAL A 231 12.40 7.15 2.12
C VAL A 231 12.78 6.81 3.56
N ALA A 232 12.27 7.58 4.53
CA ALA A 232 12.56 7.29 5.93
C ALA A 232 12.00 5.93 6.33
N LEU A 233 10.80 5.58 5.84
CA LEU A 233 10.20 4.25 6.14
C LEU A 233 11.08 3.14 5.56
N THR A 234 11.60 3.35 4.34
CA THR A 234 12.50 2.34 3.76
C THR A 234 13.74 2.16 4.62
N GLY A 235 14.34 3.27 5.07
CA GLY A 235 15.51 3.16 5.93
C GLY A 235 15.22 2.43 7.22
N LEU A 236 14.11 2.79 7.88
CA LEU A 236 13.75 2.14 9.14
C LEU A 236 13.44 0.66 8.93
N ALA A 237 12.75 0.33 7.84
CA ALA A 237 12.44 -1.06 7.55
C ALA A 237 13.70 -1.88 7.31
N TYR A 238 14.70 -1.30 6.63
CA TYR A 238 15.97 -2.00 6.50
C TYR A 238 16.63 -2.17 7.87
N ALA A 239 16.59 -1.14 8.71
CA ALA A 239 17.27 -1.21 10.00
C ALA A 239 16.62 -2.24 10.92
N LEU A 240 15.29 -2.32 10.93
CA LEU A 240 14.57 -3.17 11.87
C LEU A 240 13.91 -4.33 11.13
N PRO A 241 14.25 -5.58 11.43
CA PRO A 241 13.67 -6.70 10.68
C PRO A 241 12.35 -7.22 11.22
N HIS A 242 11.87 -6.75 12.36
CA HIS A 242 10.64 -7.22 12.97
C HIS A 242 9.56 -6.15 12.85
N TRP A 243 8.30 -6.59 12.71
CA TRP A 243 7.22 -5.65 12.45
C TRP A 243 6.82 -4.84 13.67
N ARG A 244 6.92 -5.43 14.87
CA ARG A 244 6.59 -4.67 16.07
C ARG A 244 7.58 -3.55 16.31
N TRP A 245 8.87 -3.82 16.11
CA TRP A 245 9.88 -2.77 16.27
C TRP A 245 9.67 -1.66 15.27
N LEU A 246 9.36 -2.00 14.02
CA LEU A 246 9.10 -0.99 13.00
C LEU A 246 7.85 -0.18 13.35
N GLN A 247 6.82 -0.84 13.87
CA GLN A 247 5.60 -0.13 14.24
C GLN A 247 5.86 0.87 15.37
N LEU A 248 6.64 0.46 16.37
CA LEU A 248 7.00 1.39 17.44
C LEU A 248 7.83 2.54 16.90
N ALA A 249 8.83 2.23 16.07
CA ALA A 249 9.71 3.28 15.55
C ALA A 249 8.97 4.22 14.61
N VAL A 250 7.83 3.79 14.07
CA VAL A 250 7.04 4.66 13.21
C VAL A 250 6.09 5.52 14.04
N SER A 251 5.39 4.92 14.99
CA SER A 251 4.35 5.64 15.72
C SER A 251 4.94 6.59 16.77
N LEU A 252 6.03 6.19 17.42
CA LEU A 252 6.59 7.00 18.49
C LEU A 252 7.01 8.41 18.08
N PRO A 253 7.64 8.65 16.92
CA PRO A 253 8.03 10.03 16.58
C PRO A 253 6.88 11.02 16.60
N THR A 254 5.69 10.61 16.17
CA THR A 254 4.54 11.51 16.24
C THR A 254 4.18 11.86 17.68
N PHE A 255 4.20 10.88 18.57
CA PHE A 255 3.87 11.15 19.97
C PHE A 255 4.88 12.08 20.61
N LEU A 256 6.17 11.88 20.33
CA LEU A 256 7.19 12.77 20.87
C LEU A 256 7.10 14.16 20.26
N PHE A 257 6.75 14.25 18.98
CA PHE A 257 6.54 15.54 18.34
C PHE A 257 5.34 16.25 18.96
N LEU A 258 4.35 15.48 19.43
CA LEU A 258 3.23 16.07 20.14
C LEU A 258 3.68 16.73 21.45
N LEU A 259 4.65 16.12 22.13
CA LEU A 259 5.17 16.71 23.37
C LEU A 259 5.85 18.05 23.13
N TYR A 260 6.45 18.24 21.95
CA TYR A 260 7.07 19.51 21.58
C TYR A 260 6.09 20.47 20.93
N TYR A 261 4.98 19.96 20.39
CA TYR A 261 3.96 20.79 19.75
C TYR A 261 2.81 21.04 20.73
N TRP A 262 3.00 22.06 21.58
CA TRP A 262 1.93 22.50 22.45
C TRP A 262 1.12 23.62 21.80
N CYS A 263 1.76 24.75 21.51
CA CYS A 263 1.12 25.88 20.85
C CYS A 263 2.17 26.65 20.07
N VAL A 264 1.75 27.18 18.93
CA VAL A 264 2.61 28.05 18.12
C VAL A 264 1.81 29.29 17.76
N PRO A 265 2.46 30.44 17.54
CA PRO A 265 1.71 31.69 17.32
C PRO A 265 0.79 31.67 16.11
N GLU A 266 1.12 30.91 15.07
CA GLU A 266 0.29 30.91 13.86
C GLU A 266 -0.76 29.81 13.87
N SER A 267 -0.90 29.07 14.96
CA SER A 267 -1.90 28.01 15.06
C SER A 267 -3.32 28.53 15.27
N PRO A 268 -3.58 29.41 16.25
CA PRO A 268 -4.97 29.76 16.56
C PRO A 268 -5.67 30.55 15.46
N ARG A 269 -4.96 30.94 14.41
CA ARG A 269 -5.56 31.70 13.31
C ARG A 269 -6.78 30.99 12.72
N SER A 313 -25.73 27.40 1.87
CA SER A 313 -25.03 26.11 1.92
C SER A 313 -25.25 25.33 0.63
N PRO A 314 -24.16 24.81 0.07
CA PRO A 314 -24.26 24.03 -1.17
C PRO A 314 -24.98 22.69 -0.94
N SER A 315 -25.59 22.21 -2.02
CA SER A 315 -26.35 20.97 -1.99
C SER A 315 -25.65 19.90 -2.81
N PHE A 316 -25.72 18.66 -2.32
CA PHE A 316 -25.11 17.53 -3.01
C PHE A 316 -25.73 17.30 -4.38
N ALA A 317 -27.02 17.62 -4.53
CA ALA A 317 -27.68 17.39 -5.81
C ALA A 317 -27.28 18.42 -6.86
N ASP A 318 -26.69 19.54 -6.43
CA ASP A 318 -26.31 20.58 -7.39
C ASP A 318 -25.28 20.07 -8.39
N LEU A 319 -24.46 19.10 -8.00
CA LEU A 319 -23.41 18.62 -8.88
C LEU A 319 -23.95 17.81 -10.06
N PHE A 320 -25.23 17.46 -10.05
CA PHE A 320 -25.80 16.61 -11.08
C PHE A 320 -26.99 17.21 -11.82
N ARG A 321 -27.58 18.30 -11.32
CA ARG A 321 -28.74 18.87 -11.98
C ARG A 321 -28.39 19.50 -13.33
N THR A 322 -27.13 19.90 -13.51
CA THR A 322 -26.69 20.50 -14.76
C THR A 322 -25.83 19.51 -15.54
N PRO A 323 -25.93 19.49 -16.87
CA PRO A 323 -25.19 18.47 -17.64
C PRO A 323 -23.68 18.65 -17.59
N ARG A 324 -23.19 19.89 -17.75
CA ARG A 324 -21.74 20.12 -17.75
C ARG A 324 -21.13 19.74 -16.41
N LEU A 325 -21.74 20.19 -15.32
CA LEU A 325 -21.21 19.86 -14.00
C LEU A 325 -21.35 18.37 -13.70
N ARG A 326 -22.42 17.73 -14.17
CA ARG A 326 -22.56 16.29 -14.01
C ARG A 326 -21.42 15.55 -14.71
N LYS A 327 -21.11 15.96 -15.95
CA LYS A 327 -20.02 15.37 -16.69
C LYS A 327 -18.69 15.56 -15.98
N ARG A 328 -18.45 16.78 -15.49
CA ARG A 328 -17.21 17.07 -14.78
C ARG A 328 -17.08 16.21 -13.54
N THR A 329 -18.17 16.08 -12.77
CA THR A 329 -18.15 15.29 -11.55
C THR A 329 -17.90 13.82 -11.86
N PHE A 330 -18.57 13.28 -12.89
CA PHE A 330 -18.35 11.89 -13.26
C PHE A 330 -16.91 11.64 -13.67
N ILE A 331 -16.36 12.51 -14.52
CA ILE A 331 -15.00 12.31 -15.01
C ILE A 331 -14.00 12.43 -13.86
N LEU A 332 -14.18 13.41 -12.98
CA LEU A 332 -13.26 13.58 -11.87
C LEU A 332 -13.33 12.40 -10.90
N MET A 333 -14.53 11.90 -10.63
CA MET A 333 -14.66 10.72 -9.78
C MET A 333 -13.95 9.52 -10.39
N TYR A 334 -14.13 9.31 -11.71
CA TYR A 334 -13.47 8.20 -12.37
C TYR A 334 -11.96 8.34 -12.32
N LEU A 335 -11.44 9.56 -12.53
CA LEU A 335 -10.01 9.76 -12.51
C LEU A 335 -9.43 9.55 -11.12
N TRP A 336 -10.12 10.04 -10.08
CA TRP A 336 -9.66 9.79 -8.71
C TRP A 336 -9.61 8.30 -8.42
N PHE A 337 -10.70 7.59 -8.73
CA PHE A 337 -10.74 6.15 -8.48
C PHE A 337 -9.62 5.42 -9.23
N THR A 338 -9.45 5.75 -10.51
CA THR A 338 -8.45 5.07 -11.33
C THR A 338 -7.04 5.34 -10.83
N ASP A 339 -6.74 6.60 -10.49
CA ASP A 339 -5.40 6.92 -10.02
C ASP A 339 -5.10 6.26 -8.68
N SER A 340 -6.06 6.26 -7.75
CA SER A 340 -5.83 5.57 -6.48
C SER A 340 -5.62 4.08 -6.70
N VAL A 341 -6.44 3.46 -7.55
CA VAL A 341 -6.29 2.04 -7.83
C VAL A 341 -4.91 1.76 -8.42
N LEU A 342 -4.51 2.55 -9.41
CA LEU A 342 -3.21 2.33 -10.06
C LEU A 342 -2.06 2.50 -9.08
N TYR A 343 -2.09 3.56 -8.27
CA TYR A 343 -0.98 3.81 -7.35
C TYR A 343 -0.85 2.69 -6.33
N GLN A 344 -1.95 2.38 -5.64
CA GLN A 344 -1.88 1.35 -4.61
C GLN A 344 -1.58 -0.02 -5.21
N GLY A 345 -2.16 -0.33 -6.37
CA GLY A 345 -1.91 -1.61 -7.01
C GLY A 345 -0.47 -1.76 -7.45
N LEU A 346 0.11 -0.69 -8.00
CA LEU A 346 1.52 -0.74 -8.38
C LEU A 346 2.41 -0.98 -7.17
N ILE A 347 2.22 -0.21 -6.09
CA ILE A 347 3.05 -0.43 -4.86
C ILE A 347 2.84 -1.85 -4.30
N LEU A 348 1.61 -2.38 -4.27
CA LEU A 348 1.39 -3.70 -3.73
C LEU A 348 1.96 -4.79 -4.64
N HIS A 349 1.87 -4.62 -5.96
CA HIS A 349 2.48 -5.57 -6.87
C HIS A 349 4.00 -5.56 -6.74
N MET A 350 4.60 -4.38 -6.59
CA MET A 350 6.03 -4.30 -6.35
C MET A 350 6.40 -5.02 -5.05
N GLY A 351 5.60 -4.82 -4.00
CA GLY A 351 5.86 -5.49 -2.74
C GLY A 351 5.72 -7.00 -2.83
N ALA A 352 4.78 -7.49 -3.64
CA ALA A 352 4.51 -8.91 -3.69
C ALA A 352 5.37 -9.66 -4.69
N THR A 353 5.97 -8.98 -5.67
CA THR A 353 6.70 -9.68 -6.73
C THR A 353 8.17 -9.32 -6.85
N SER A 354 8.64 -8.21 -6.28
CA SER A 354 10.03 -7.83 -6.44
C SER A 354 10.95 -8.75 -5.65
N GLY A 355 12.10 -9.08 -6.25
CA GLY A 355 13.07 -9.94 -5.60
C GLY A 355 13.98 -9.25 -4.61
N ASN A 356 14.15 -7.93 -4.74
CA ASN A 356 14.91 -7.14 -3.77
C ASN A 356 14.02 -5.95 -3.41
N LEU A 357 13.24 -6.13 -2.34
CA LEU A 357 12.19 -5.16 -2.03
C LEU A 357 12.75 -3.81 -1.61
N TYR A 358 13.82 -3.81 -0.79
CA TYR A 358 14.33 -2.56 -0.25
C TYR A 358 14.83 -1.63 -1.34
N LEU A 359 15.71 -2.14 -2.21
CA LEU A 359 16.29 -1.29 -3.24
C LEU A 359 15.25 -0.87 -4.29
N ASP A 360 14.34 -1.78 -4.64
CA ASP A 360 13.29 -1.41 -5.59
C ASP A 360 12.40 -0.32 -5.02
N PHE A 361 12.02 -0.44 -3.74
CA PHE A 361 11.21 0.60 -3.11
C PHE A 361 11.97 1.91 -3.02
N LEU A 362 13.27 1.84 -2.70
CA LEU A 362 14.07 3.07 -2.60
C LEU A 362 14.18 3.76 -3.95
N TYR A 363 14.44 2.99 -5.02
CA TYR A 363 14.53 3.58 -6.35
C TYR A 363 13.20 4.17 -6.78
N SER A 364 12.11 3.41 -6.60
CA SER A 364 10.80 3.87 -7.05
C SER A 364 10.34 5.11 -6.29
N ALA A 365 10.65 5.18 -4.98
CA ALA A 365 10.24 6.32 -4.19
C ALA A 365 10.93 7.59 -4.64
N LEU A 366 12.20 7.49 -5.02
CA LEU A 366 12.98 8.69 -5.35
C LEU A 366 12.53 9.31 -6.67
N VAL A 367 11.83 8.56 -7.53
CA VAL A 367 11.41 9.08 -8.82
C VAL A 367 10.28 10.11 -8.69
N GLU A 368 9.57 10.14 -7.56
CA GLU A 368 8.49 11.12 -7.41
C GLU A 368 9.01 12.54 -7.44
N ILE A 369 10.18 12.80 -6.84
CA ILE A 369 10.73 14.15 -6.74
C ILE A 369 11.00 14.72 -8.14
N PRO A 370 11.68 14.00 -9.04
CA PRO A 370 11.73 14.48 -10.42
C PRO A 370 10.35 14.63 -11.04
N GLY A 371 9.41 13.73 -10.72
CA GLY A 371 8.06 13.88 -11.20
C GLY A 371 7.39 15.14 -10.67
N ALA A 372 7.61 15.44 -9.38
CA ALA A 372 7.06 16.66 -8.80
C ALA A 372 7.63 17.90 -9.48
N PHE A 373 8.94 17.90 -9.73
CA PHE A 373 9.55 19.04 -10.42
C PHE A 373 9.04 19.17 -11.85
N ILE A 374 8.86 18.05 -12.53
CA ILE A 374 8.31 18.07 -13.89
C ILE A 374 6.92 18.67 -13.87
N ALA A 375 6.09 18.25 -12.92
CA ALA A 375 4.74 18.79 -12.82
C ALA A 375 4.76 20.29 -12.53
N LEU A 376 5.65 20.71 -11.63
CA LEU A 376 5.75 22.13 -11.29
C LEU A 376 6.13 22.97 -12.50
N ILE A 377 7.08 22.47 -13.30
CA ILE A 377 7.46 23.18 -14.52
C ILE A 377 6.31 23.16 -15.52
N THR A 378 5.61 22.03 -15.62
CA THR A 378 4.66 21.82 -16.71
C THR A 378 3.38 22.63 -16.51
N ILE A 379 2.92 22.74 -15.26
CA ILE A 379 1.64 23.39 -15.00
C ILE A 379 1.67 24.85 -15.45
N ASP A 380 2.75 25.56 -15.13
CA ASP A 380 2.82 26.99 -15.44
C ASP A 380 3.02 27.25 -16.93
N ARG A 381 3.29 26.22 -17.73
CA ARG A 381 3.63 26.41 -19.13
C ARG A 381 2.61 25.84 -20.10
N VAL A 382 2.29 24.54 -20.01
CA VAL A 382 1.45 23.93 -21.04
C VAL A 382 0.19 23.31 -20.46
N GLY A 383 -0.33 23.90 -19.39
CA GLY A 383 -1.62 23.48 -18.88
C GLY A 383 -1.61 22.21 -18.05
N ARG A 384 -2.79 21.71 -17.71
CA ARG A 384 -2.91 20.55 -16.84
C ARG A 384 -3.57 19.35 -17.50
N ILE A 385 -4.37 19.58 -18.55
CA ILE A 385 -5.16 18.50 -19.14
C ILE A 385 -4.26 17.53 -19.91
N TYR A 386 -3.56 18.04 -20.91
CA TYR A 386 -2.67 17.23 -21.74
C TYR A 386 -1.55 16.56 -20.94
N PRO A 387 -0.87 17.27 -20.02
CA PRO A 387 0.15 16.57 -19.21
C PRO A 387 -0.41 15.42 -18.40
N MET A 388 -1.58 15.61 -17.78
CA MET A 388 -2.18 14.53 -17.01
C MET A 388 -2.59 13.37 -17.91
N ALA A 389 -3.15 13.66 -19.08
CA ALA A 389 -3.54 12.61 -20.01
C ALA A 389 -2.31 11.82 -20.48
N MET A 390 -1.22 12.53 -20.79
CA MET A 390 -0.01 11.85 -21.23
C MET A 390 0.61 11.02 -20.11
N SER A 391 0.55 11.52 -18.87
CA SER A 391 1.04 10.73 -17.75
C SER A 391 0.23 9.47 -17.55
N ASN A 392 -1.10 9.57 -17.67
CA ASN A 392 -1.95 8.39 -17.55
C ASN A 392 -1.65 7.38 -18.67
N LEU A 393 -1.46 7.89 -19.89
CA LEU A 393 -1.12 7.01 -21.01
C LEU A 393 0.22 6.32 -20.78
N LEU A 394 1.20 7.06 -20.26
CA LEU A 394 2.50 6.48 -19.97
C LEU A 394 2.40 5.40 -18.90
N ALA A 395 1.60 5.65 -17.86
CA ALA A 395 1.40 4.65 -16.82
C ALA A 395 0.74 3.40 -17.38
N GLY A 396 -0.28 3.57 -18.21
CA GLY A 396 -0.94 2.42 -18.81
C GLY A 396 0.00 1.62 -19.70
N ALA A 397 0.79 2.32 -20.51
CA ALA A 397 1.75 1.64 -21.38
C ALA A 397 2.79 0.89 -20.56
N ALA A 398 3.28 1.51 -19.48
CA ALA A 398 4.26 0.85 -18.62
C ALA A 398 3.66 -0.41 -17.99
N CYS A 399 2.40 -0.34 -17.58
CA CYS A 399 1.73 -1.54 -17.07
C CYS A 399 1.62 -2.61 -18.14
N LEU A 400 1.30 -2.21 -19.37
CA LEU A 400 1.15 -3.17 -20.46
C LEU A 400 2.49 -3.82 -20.82
N VAL A 401 3.55 -3.02 -20.89
CA VAL A 401 4.85 -3.54 -21.30
C VAL A 401 5.38 -4.53 -20.27
N MET A 402 5.12 -4.27 -18.99
CA MET A 402 5.71 -5.07 -17.92
C MET A 402 5.24 -6.51 -17.93
N ILE A 403 4.17 -6.83 -18.67
CA ILE A 403 3.65 -8.19 -18.69
C ILE A 403 4.66 -9.15 -19.31
N PHE A 404 5.27 -8.74 -20.43
CA PHE A 404 6.08 -9.65 -21.23
C PHE A 404 7.51 -9.78 -20.76
N ILE A 405 7.93 -8.98 -19.78
CA ILE A 405 9.32 -8.97 -19.35
C ILE A 405 9.65 -10.27 -18.65
N SER A 406 10.75 -10.91 -19.05
CA SER A 406 11.18 -12.14 -18.40
C SER A 406 11.65 -11.85 -16.98
N PRO A 407 11.50 -12.79 -16.05
CA PRO A 407 11.88 -12.52 -14.65
C PRO A 407 13.35 -12.19 -14.46
N ASP A 408 14.25 -12.69 -15.31
CA ASP A 408 15.67 -12.45 -15.13
C ASP A 408 16.09 -11.04 -15.53
N LEU A 409 15.26 -10.33 -16.29
CA LEU A 409 15.58 -8.95 -16.66
C LEU A 409 15.13 -7.99 -15.56
N HIS A 410 15.76 -8.08 -14.39
CA HIS A 410 15.38 -7.22 -13.27
C HIS A 410 15.72 -5.76 -13.55
N TRP A 411 16.86 -5.52 -14.23
CA TRP A 411 17.29 -4.15 -14.48
C TRP A 411 16.36 -3.41 -15.45
N LEU A 412 15.66 -4.13 -16.32
CA LEU A 412 14.68 -3.47 -17.18
C LEU A 412 13.33 -3.36 -16.46
N ASN A 413 12.99 -4.37 -15.67
CA ASN A 413 11.74 -4.35 -14.93
C ASN A 413 11.69 -3.18 -13.96
N ILE A 414 12.80 -2.93 -13.27
CA ILE A 414 12.84 -1.81 -12.33
C ILE A 414 12.74 -0.47 -13.05
N ILE A 415 13.34 -0.35 -14.25
CA ILE A 415 13.21 0.88 -15.02
C ILE A 415 11.76 1.10 -15.42
N ILE A 416 11.08 0.04 -15.87
CA ILE A 416 9.68 0.18 -16.26
C ILE A 416 8.83 0.56 -15.05
N MET A 417 9.10 -0.06 -13.90
CA MET A 417 8.37 0.28 -12.68
C MET A 417 8.57 1.73 -12.29
N CYS A 418 9.82 2.22 -12.39
CA CYS A 418 10.09 3.61 -12.07
C CYS A 418 9.36 4.55 -13.02
N VAL A 419 9.33 4.21 -14.32
CA VAL A 419 8.62 5.05 -15.28
C VAL A 419 7.13 5.09 -14.94
N GLY A 420 6.55 3.94 -14.63
CA GLY A 420 5.13 3.92 -14.28
C GLY A 420 4.83 4.71 -13.02
N ARG A 421 5.70 4.59 -12.02
CA ARG A 421 5.54 5.35 -10.78
C ARG A 421 5.64 6.84 -11.03
N MET A 422 6.59 7.28 -11.86
CA MET A 422 6.68 8.69 -12.18
C MET A 422 5.42 9.16 -12.91
N GLY A 423 4.91 8.36 -13.82
CA GLY A 423 3.70 8.72 -14.53
C GLY A 423 2.50 8.89 -13.62
N ILE A 424 2.27 7.91 -12.73
CA ILE A 424 1.13 8.02 -11.83
C ILE A 424 1.33 9.17 -10.84
N THR A 425 2.56 9.40 -10.40
CA THR A 425 2.82 10.52 -9.50
C THR A 425 2.49 11.85 -10.16
N ILE A 426 2.92 12.03 -11.41
CA ILE A 426 2.61 13.26 -12.13
C ILE A 426 1.10 13.40 -12.33
N ALA A 427 0.42 12.28 -12.65
CA ALA A 427 -1.01 12.33 -12.84
C ALA A 427 -1.74 12.75 -11.56
N ILE A 428 -1.32 12.20 -10.41
CA ILE A 428 -1.94 12.56 -9.14
C ILE A 428 -1.67 14.03 -8.81
N GLN A 429 -0.43 14.48 -9.04
CA GLN A 429 -0.11 15.89 -8.81
C GLN A 429 -1.00 16.80 -9.65
N MET A 430 -1.21 16.44 -10.91
CA MET A 430 -2.07 17.25 -11.77
C MET A 430 -3.51 17.25 -11.27
N ILE A 431 -4.05 16.07 -10.95
CA ILE A 431 -5.46 15.99 -10.58
C ILE A 431 -5.72 16.66 -9.24
N CYS A 432 -4.71 16.75 -8.37
CA CYS A 432 -4.92 17.41 -7.08
C CYS A 432 -5.15 18.91 -7.24
N LEU A 433 -4.84 19.47 -8.40
CA LEU A 433 -4.94 20.91 -8.63
C LEU A 433 -6.04 21.28 -9.64
N VAL A 434 -6.40 20.35 -10.53
CA VAL A 434 -7.41 20.65 -11.55
C VAL A 434 -8.76 20.89 -10.90
N ASN A 435 -9.06 20.15 -9.82
CA ASN A 435 -10.37 20.22 -9.20
C ASN A 435 -10.71 21.63 -8.72
N ALA A 436 -9.69 22.41 -8.36
CA ALA A 436 -9.94 23.74 -7.82
C ALA A 436 -10.58 24.67 -8.85
N GLU A 437 -10.29 24.47 -10.13
CA GLU A 437 -10.80 25.39 -11.15
C GLU A 437 -12.21 25.04 -11.59
N LEU A 438 -12.51 23.76 -11.79
CA LEU A 438 -13.81 23.37 -12.30
C LEU A 438 -14.96 23.62 -11.32
N TYR A 439 -14.67 23.69 -10.03
CA TYR A 439 -15.71 23.88 -9.02
C TYR A 439 -15.66 25.30 -8.48
N PRO A 440 -16.77 26.02 -8.49
CA PRO A 440 -16.80 27.35 -7.85
C PRO A 440 -16.63 27.23 -6.35
N THR A 441 -16.22 28.35 -5.73
CA THR A 441 -16.00 28.38 -4.29
C THR A 441 -17.26 28.04 -3.50
N PHE A 442 -18.44 28.23 -4.11
CA PHE A 442 -19.69 27.94 -3.41
C PHE A 442 -19.82 26.46 -3.07
N VAL A 443 -19.26 25.58 -3.91
CA VAL A 443 -19.46 24.14 -3.74
C VAL A 443 -18.12 23.41 -3.80
N ARG A 444 -17.01 24.16 -3.73
CA ARG A 444 -15.71 23.55 -3.91
C ARG A 444 -15.42 22.48 -2.85
N ASN A 445 -15.65 22.80 -1.57
CA ASN A 445 -15.33 21.85 -0.52
C ASN A 445 -16.18 20.60 -0.61
N LEU A 446 -17.48 20.76 -0.89
CA LEU A 446 -18.35 19.61 -1.06
C LEU A 446 -17.90 18.75 -2.23
N GLY A 447 -17.52 19.37 -3.34
CA GLY A 447 -17.05 18.61 -4.48
C GLY A 447 -15.77 17.85 -4.17
N VAL A 448 -14.85 18.47 -3.45
CA VAL A 448 -13.62 17.79 -3.06
C VAL A 448 -13.94 16.60 -2.15
N MET A 449 -14.85 16.81 -1.19
CA MET A 449 -15.20 15.73 -0.28
C MET A 449 -15.85 14.56 -1.02
N VAL A 450 -16.74 14.86 -1.97
CA VAL A 450 -17.41 13.80 -2.72
C VAL A 450 -16.43 13.07 -3.62
N CYS A 451 -15.61 13.82 -4.36
CA CYS A 451 -14.69 13.20 -5.31
C CYS A 451 -13.65 12.34 -4.59
N SER A 452 -13.11 12.84 -3.48
CA SER A 452 -12.08 12.10 -2.76
C SER A 452 -12.63 10.86 -2.06
N SER A 453 -13.95 10.71 -1.99
CA SER A 453 -14.53 9.53 -1.35
C SER A 453 -14.38 8.28 -2.22
N LEU A 454 -14.35 8.44 -3.55
CA LEU A 454 -14.19 7.30 -4.43
C LEU A 454 -12.78 6.73 -4.35
N CYS A 455 -11.79 7.57 -4.03
CA CYS A 455 -10.43 7.08 -3.83
C CYS A 455 -10.39 6.02 -2.74
N ASP A 456 -11.17 6.21 -1.68
CA ASP A 456 -11.19 5.24 -0.59
C ASP A 456 -11.89 3.95 -0.98
N ILE A 457 -12.94 4.02 -1.80
CA ILE A 457 -13.55 2.80 -2.30
C ILE A 457 -12.57 2.04 -3.19
N GLY A 458 -11.83 2.76 -4.03
CA GLY A 458 -10.78 2.13 -4.82
C GLY A 458 -9.72 1.49 -3.95
N GLY A 459 -9.38 2.14 -2.84
CA GLY A 459 -8.45 1.56 -1.90
C GLY A 459 -8.99 0.31 -1.22
N ILE A 460 -10.30 0.26 -0.97
CA ILE A 460 -10.90 -0.94 -0.42
C ILE A 460 -10.84 -2.08 -1.44
N ILE A 461 -11.17 -1.79 -2.70
CA ILE A 461 -11.25 -2.83 -3.72
C ILE A 461 -9.87 -3.33 -4.11
N THR A 462 -8.87 -2.45 -4.10
CA THR A 462 -7.57 -2.76 -4.70
C THR A 462 -6.86 -3.99 -4.12
N PRO A 463 -6.76 -4.19 -2.80
CA PRO A 463 -6.01 -5.36 -2.33
C PRO A 463 -6.54 -6.69 -2.84
N PHE A 464 -7.86 -6.82 -3.01
CA PHE A 464 -8.41 -8.07 -3.50
C PHE A 464 -8.10 -8.28 -4.97
N ILE A 465 -7.94 -7.19 -5.73
CA ILE A 465 -7.53 -7.32 -7.13
C ILE A 465 -6.08 -7.76 -7.21
N VAL A 466 -5.21 -7.15 -6.41
CA VAL A 466 -3.78 -7.42 -6.49
C VAL A 466 -3.46 -8.82 -5.97
N PHE A 467 -4.04 -9.19 -4.83
CA PHE A 467 -3.65 -10.42 -4.16
C PHE A 467 -4.40 -11.64 -4.65
N ARG A 468 -5.70 -11.52 -4.91
CA ARG A 468 -6.51 -12.69 -5.23
C ARG A 468 -6.47 -13.05 -6.71
N LEU A 469 -6.59 -12.06 -7.59
CA LEU A 469 -6.52 -12.34 -9.03
C LEU A 469 -5.15 -12.87 -9.42
N ARG A 470 -4.11 -12.58 -8.63
CA ARG A 470 -2.79 -13.12 -8.90
C ARG A 470 -2.77 -14.64 -8.80
N GLU A 471 -3.66 -15.23 -8.02
CA GLU A 471 -3.74 -16.69 -7.95
C GLU A 471 -4.15 -17.29 -9.28
N VAL A 472 -5.15 -16.70 -9.95
CA VAL A 472 -5.65 -17.24 -11.20
C VAL A 472 -4.62 -17.08 -12.31
N TRP A 473 -4.03 -15.89 -12.41
CA TRP A 473 -3.09 -15.59 -13.48
C TRP A 473 -2.25 -14.41 -13.06
N GLN A 474 -0.92 -14.55 -13.09
CA GLN A 474 -0.04 -13.50 -12.60
C GLN A 474 -0.16 -12.21 -13.42
N ALA A 475 -0.55 -12.31 -14.69
CA ALA A 475 -0.63 -11.13 -15.53
C ALA A 475 -1.98 -10.43 -15.49
N LEU A 476 -2.98 -11.05 -14.84
CA LEU A 476 -4.32 -10.46 -14.81
C LEU A 476 -4.37 -9.10 -14.11
N PRO A 477 -3.78 -8.92 -12.91
CA PRO A 477 -3.78 -7.57 -12.33
C PRO A 477 -3.11 -6.54 -13.21
N LEU A 478 -2.03 -6.91 -13.89
CA LEU A 478 -1.37 -5.98 -14.80
C LEU A 478 -2.27 -5.63 -15.97
N ILE A 479 -3.01 -6.61 -16.50
CA ILE A 479 -3.94 -6.33 -17.59
C ILE A 479 -5.02 -5.36 -17.14
N LEU A 480 -5.59 -5.60 -15.95
CA LEU A 480 -6.63 -4.72 -15.44
C LEU A 480 -6.09 -3.30 -15.22
N PHE A 481 -4.89 -3.19 -14.64
CA PHE A 481 -4.30 -1.87 -14.42
C PHE A 481 -4.04 -1.16 -15.73
N ALA A 482 -3.55 -1.88 -16.75
CA ALA A 482 -3.29 -1.28 -18.04
C ALA A 482 -4.58 -0.79 -18.68
N VAL A 483 -5.64 -1.59 -18.61
CA VAL A 483 -6.93 -1.19 -19.17
C VAL A 483 -7.45 0.05 -18.48
N LEU A 484 -7.38 0.08 -17.14
CA LEU A 484 -7.85 1.24 -16.40
C LEU A 484 -7.03 2.48 -16.75
N GLY A 485 -5.71 2.33 -16.86
CA GLY A 485 -4.87 3.48 -17.19
C GLY A 485 -5.16 4.04 -18.56
N LEU A 486 -5.31 3.14 -19.56
CA LEU A 486 -5.61 3.61 -20.91
C LEU A 486 -6.99 4.28 -20.98
N LEU A 487 -7.98 3.70 -20.30
CA LEU A 487 -9.30 4.32 -20.28
C LEU A 487 -9.28 5.68 -19.61
N ALA A 488 -8.53 5.81 -18.50
CA ALA A 488 -8.40 7.10 -17.84
C ALA A 488 -7.70 8.11 -18.73
N ALA A 489 -6.69 7.66 -19.48
CA ALA A 489 -6.03 8.55 -20.44
C ALA A 489 -6.99 9.02 -21.52
N GLY A 490 -7.84 8.13 -22.02
CA GLY A 490 -8.80 8.50 -23.05
C GLY A 490 -9.85 9.49 -22.60
N VAL A 491 -10.43 9.27 -21.41
CA VAL A 491 -11.52 10.11 -20.93
C VAL A 491 -11.01 11.49 -20.54
N THR A 492 -9.75 11.60 -20.12
CA THR A 492 -9.24 12.84 -19.55
C THR A 492 -9.34 14.00 -20.52
N LEU A 493 -9.36 13.73 -21.83
CA LEU A 493 -9.38 14.80 -22.82
C LEU A 493 -10.63 15.66 -22.74
N LEU A 494 -11.72 15.12 -22.17
CA LEU A 494 -13.00 15.82 -22.19
C LEU A 494 -13.04 17.01 -21.23
N LEU A 495 -12.21 17.02 -20.20
CA LEU A 495 -12.23 18.13 -19.25
C LEU A 495 -11.77 19.41 -19.92
N PRO A 496 -12.45 20.54 -19.69
CA PRO A 496 -12.09 21.83 -20.29
C PRO A 496 -10.82 22.42 -19.71
C10 C9F B . -5.29 14.93 -1.43
C13 C9F B . -7.93 17.16 -2.51
C15 C9F B . -7.20 13.03 -2.00
C20 C9F B . -4.92 8.76 -4.64
C21 C9F B . -4.21 8.22 0.43
C22 C9F B . -3.57 7.02 0.20
C24 C9F B . -2.16 8.08 -1.42
C26 C9F B . -0.25 10.58 -3.14
C28 C9F B . 1.58 11.82 -2.18
O01 C9F B . -2.96 12.13 -3.31
C02 C9F B . -3.26 11.14 -2.68
N03 C9F B . -2.39 10.44 -1.91
C04 C9F B . -2.79 9.29 -1.19
C05 C9F B . -3.83 9.36 -0.26
S06 C9F B . -4.66 10.88 0.05
C07 C9F B . -5.55 11.16 -1.53
C08 C9F B . -5.93 12.61 -1.64
C09 C9F B . -4.98 13.59 -1.35
C11 C9F B . -6.56 15.34 -1.81
O12 C9F B . -6.77 16.68 -1.86
C14 C9F B . -7.53 14.38 -2.09
C16 C9F B . -4.70 10.61 -2.69
O17 C9F B . -5.34 10.97 -3.89
C18 C9F B . -5.20 10.19 -4.98
O19 C9F B . -5.30 10.62 -6.10
C23 C9F B . -2.54 6.95 -0.72
C25 C9F B . -1.00 10.86 -1.83
N27 C9F B . 1.18 10.70 -3.01
C29 C9F B . 1.83 10.80 -4.30
#